data_9G96
#
_entry.id   9G96
#
_cell.length_a   78.309
_cell.length_b   41.676
_cell.length_c   72.298
_cell.angle_alpha   90.00
_cell.angle_beta   102.75
_cell.angle_gamma   90.00
#
_symmetry.space_group_name_H-M   'C 1 2 1'
#
loop_
_entity.id
_entity.type
_entity.pdbx_description
1 polymer 'Hepatoma-derived growth factor-related protein 2'
2 non-polymer 1,2-ETHANEDIOL
3 non-polymer 4-[[(5-bromanylpyridin-3-yl)methylamino]methyl]aniline
4 non-polymer 'SULFATE ION'
5 water water
#
_entity_poly.entity_id   1
_entity_poly.type   'polypeptide(L)'
_entity_poly.pdbx_seq_one_letter_code
;GMPHAFKPGDLVFAKMKGYPHWPARIDDIADGAVKPPPNKYPIFFFGTHETAFLGPKDLFPYDKSKDKYGKPNKRKGFNE
GLWEIQNNPHASYS
;
_entity_poly.pdbx_strand_id   A,B
#
loop_
_chem_comp.id
_chem_comp.type
_chem_comp.name
_chem_comp.formula
A1II2 non-polymer 4-[[(5-bromanylpyridin-3-yl)methylamino]methyl]aniline 'C13 H14 Br N3'
EDO non-polymer 1,2-ETHANEDIOL 'C2 H6 O2'
SO4 non-polymer 'SULFATE ION' 'O4 S -2'
#
# COMPACT_ATOMS: atom_id res chain seq x y z
N MET A 2 10.06 22.41 19.12
CA MET A 2 10.92 22.74 17.99
C MET A 2 11.52 21.48 17.37
N PRO A 3 11.80 21.52 16.07
CA PRO A 3 12.44 20.36 15.42
C PRO A 3 13.84 20.14 15.95
N HIS A 4 14.32 18.92 15.74
CA HIS A 4 15.68 18.53 16.06
C HIS A 4 16.28 17.84 14.85
N ALA A 5 17.58 17.56 14.91
CA ALA A 5 18.19 16.71 13.90
C ALA A 5 17.49 15.36 13.89
N PHE A 6 17.47 14.72 12.73
CA PHE A 6 16.80 13.43 12.62
C PHE A 6 17.49 12.42 13.53
N LYS A 7 16.68 11.56 14.13
CA LYS A 7 17.16 10.52 15.03
C LYS A 7 16.46 9.22 14.69
N PRO A 8 17.05 8.07 15.02
CA PRO A 8 16.41 6.79 14.75
C PRO A 8 14.98 6.74 15.28
N GLY A 9 14.06 6.26 14.45
CA GLY A 9 12.66 6.23 14.78
C GLY A 9 11.83 7.34 14.18
N ASP A 10 12.46 8.42 13.70
CA ASP A 10 11.71 9.51 13.11
C ASP A 10 11.03 9.04 11.83
N LEU A 11 9.80 9.48 11.62
CA LEU A 11 9.00 9.05 10.49
C LEU A 11 8.93 10.18 9.47
N VAL A 12 9.17 9.83 8.20
CA VAL A 12 9.29 10.81 7.13
C VAL A 12 8.61 10.28 5.88
N PHE A 13 8.47 11.16 4.90
CA PHE A 13 8.41 10.80 3.50
C PHE A 13 9.78 11.11 2.90
N ALA A 14 10.34 10.15 2.16
CA ALA A 14 11.66 10.30 1.55
C ALA A 14 11.53 10.35 0.04
N LYS A 15 12.24 11.28 -0.58
CA LYS A 15 12.17 11.51 -2.01
C LYS A 15 13.42 11.00 -2.71
N MET A 16 13.22 10.12 -3.69
CA MET A 16 14.27 9.73 -4.62
C MET A 16 13.81 10.01 -6.04
N LYS A 17 14.77 10.30 -6.92
CA LYS A 17 14.45 10.62 -8.31
C LYS A 17 13.74 9.44 -8.98
N GLY A 18 12.61 9.72 -9.61
CA GLY A 18 11.83 8.71 -10.31
C GLY A 18 10.72 8.08 -9.50
N TYR A 19 10.59 8.41 -8.22
CA TYR A 19 9.61 7.82 -7.32
C TYR A 19 8.84 8.90 -6.58
N PRO A 20 7.58 8.66 -6.25
CA PRO A 20 6.86 9.61 -5.40
C PRO A 20 7.45 9.62 -4.00
N HIS A 21 7.20 10.73 -3.29
CA HIS A 21 7.58 10.82 -1.88
C HIS A 21 7.08 9.59 -1.13
N TRP A 22 8.00 8.89 -0.47
CA TRP A 22 7.76 7.52 -0.07
C TRP A 22 7.79 7.39 1.45
N PRO A 23 6.82 6.68 2.03
CA PRO A 23 6.81 6.53 3.51
C PRO A 23 8.05 5.78 3.98
N ALA A 24 8.73 6.34 4.99
CA ALA A 24 10.01 5.82 5.42
C ALA A 24 10.27 6.18 6.88
N ARG A 25 11.34 5.60 7.44
CA ARG A 25 11.79 5.96 8.78
C ARG A 25 13.30 6.08 8.82
N ILE A 26 13.79 6.88 9.76
CA ILE A 26 15.22 6.96 10.05
C ILE A 26 15.61 5.72 10.83
N ASP A 27 16.54 4.94 10.30
CA ASP A 27 17.00 3.73 10.95
C ASP A 27 18.28 3.98 11.74
N ASP A 28 18.59 3.04 12.62
CA ASP A 28 19.86 2.99 13.35
CA ASP A 28 19.87 3.09 13.31
C ASP A 28 20.95 2.44 12.44
N ILE A 29 22.20 2.60 12.87
CA ILE A 29 23.34 2.00 12.19
C ILE A 29 23.86 0.86 13.07
N ALA A 30 23.79 -0.35 12.55
CA ALA A 30 24.31 -1.51 13.27
C ALA A 30 25.83 -1.41 13.41
N ASP A 31 26.36 -2.15 14.39
CA ASP A 31 27.80 -2.19 14.58
C ASP A 31 28.48 -2.82 13.37
N GLY A 32 29.58 -2.21 12.95
CA GLY A 32 30.35 -2.71 11.83
C GLY A 32 29.69 -2.58 10.47
N ALA A 33 28.43 -2.18 10.41
CA ALA A 33 27.78 -1.94 9.14
C ALA A 33 28.31 -0.65 8.51
N VAL A 34 28.01 -0.46 7.23
N VAL A 34 28.01 -0.46 7.23
CA VAL A 34 28.46 0.72 6.50
CA VAL A 34 28.52 0.71 6.51
C VAL A 34 27.79 1.96 7.08
C VAL A 34 27.80 1.96 7.01
N LYS A 35 28.58 2.99 7.30
CA LYS A 35 28.05 4.25 7.80
C LYS A 35 27.69 5.16 6.63
N PRO A 36 26.76 6.08 6.82
CA PRO A 36 26.34 6.96 5.73
C PRO A 36 27.42 7.97 5.39
N PRO A 37 27.37 8.56 4.21
CA PRO A 37 28.24 9.69 3.88
C PRO A 37 27.95 10.88 4.78
N PRO A 38 28.78 11.93 4.73
CA PRO A 38 28.53 13.11 5.58
C PRO A 38 27.12 13.67 5.42
N ASN A 39 26.45 13.86 6.55
CA ASN A 39 25.12 14.45 6.62
C ASN A 39 24.09 13.64 5.83
N LYS A 40 24.25 12.32 5.83
CA LYS A 40 23.22 11.45 5.28
C LYS A 40 22.80 10.44 6.35
N TYR A 41 21.64 9.84 6.13
CA TYR A 41 20.99 8.99 7.11
C TYR A 41 20.54 7.69 6.47
N PRO A 42 20.57 6.58 7.21
CA PRO A 42 19.99 5.34 6.68
C PRO A 42 18.48 5.46 6.68
N ILE A 43 17.89 5.36 5.50
CA ILE A 43 16.45 5.53 5.30
C ILE A 43 15.87 4.17 4.98
N PHE A 44 14.98 3.68 5.84
CA PHE A 44 14.27 2.43 5.58
C PHE A 44 12.91 2.74 4.95
N PHE A 45 12.69 2.23 3.74
CA PHE A 45 11.46 2.52 3.00
C PHE A 45 10.40 1.48 3.34
N PHE A 46 9.29 1.93 3.91
CA PHE A 46 8.20 1.01 4.20
C PHE A 46 7.65 0.42 2.90
N GLY A 47 7.09 -0.79 3.02
CA GLY A 47 6.51 -1.46 1.86
C GLY A 47 7.53 -2.27 1.08
N THR A 48 8.49 -1.60 0.44
CA THR A 48 9.55 -2.30 -0.25
C THR A 48 10.61 -2.85 0.70
N HIS A 49 10.76 -2.23 1.87
CA HIS A 49 11.70 -2.69 2.90
C HIS A 49 13.14 -2.61 2.43
N GLU A 50 13.45 -1.62 1.59
CA GLU A 50 14.81 -1.32 1.18
C GLU A 50 15.37 -0.19 2.04
N THR A 51 16.70 -0.07 2.04
CA THR A 51 17.38 0.97 2.78
C THR A 51 18.32 1.74 1.87
N ALA A 52 18.30 3.07 1.97
CA ALA A 52 19.21 3.93 1.22
C ALA A 52 19.73 5.05 2.13
N PHE A 53 20.84 5.65 1.71
CA PHE A 53 21.40 6.80 2.40
C PHE A 53 20.90 8.08 1.72
N LEU A 54 20.19 8.91 2.48
CA LEU A 54 19.70 10.19 1.96
C LEU A 54 20.05 11.33 2.93
N GLY A 55 20.10 12.54 2.37
CA GLY A 55 20.32 13.74 3.14
C GLY A 55 19.02 14.42 3.51
N PRO A 56 19.09 15.35 4.48
CA PRO A 56 17.86 15.98 4.99
C PRO A 56 17.02 16.68 3.95
N LYS A 57 17.63 17.22 2.88
CA LYS A 57 16.87 17.91 1.85
C LYS A 57 15.84 17.01 1.18
N ASP A 58 16.01 15.69 1.27
CA ASP A 58 15.07 14.73 0.68
C ASP A 58 14.14 14.10 1.72
N LEU A 59 14.14 14.60 2.96
CA LEU A 59 13.39 14.01 4.05
C LEU A 59 12.35 14.99 4.57
N PHE A 60 11.09 14.58 4.55
CA PHE A 60 9.96 15.44 4.92
C PHE A 60 9.24 14.85 6.13
N PRO A 61 9.26 15.50 7.29
CA PRO A 61 8.63 14.92 8.48
C PRO A 61 7.19 14.49 8.23
N TYR A 62 6.84 13.33 8.79
CA TYR A 62 5.65 12.60 8.34
C TYR A 62 4.36 13.38 8.61
N ASP A 63 4.16 13.84 9.85
CA ASP A 63 2.87 14.47 10.20
CA ASP A 63 2.86 14.44 10.18
C ASP A 63 2.64 15.76 9.44
N LYS A 64 3.71 16.51 9.17
CA LYS A 64 3.55 17.76 8.43
C LYS A 64 3.22 17.52 6.96
N SER A 65 3.63 16.38 6.40
CA SER A 65 3.54 16.14 4.96
CA SER A 65 3.53 16.15 4.96
C SER A 65 2.54 15.06 4.58
N LYS A 66 1.94 14.36 5.56
CA LYS A 66 1.09 13.21 5.22
C LYS A 66 -0.13 13.60 4.40
N ASP A 67 -0.70 14.80 4.62
CA ASP A 67 -1.85 15.21 3.83
C ASP A 67 -1.49 15.38 2.35
N LYS A 68 -0.25 15.73 2.07
CA LYS A 68 0.18 15.97 0.69
C LYS A 68 0.71 14.70 0.02
N TYR A 69 1.41 13.84 0.76
CA TYR A 69 2.12 12.71 0.16
C TYR A 69 1.51 11.35 0.48
N GLY A 70 0.54 11.27 1.38
CA GLY A 70 0.02 9.98 1.81
C GLY A 70 -1.06 9.37 0.93
N LYS A 71 -1.14 9.80 -0.33
CA LYS A 71 -2.26 9.21 -1.05
C LYS A 71 -1.85 7.88 -1.69
N PRO A 72 -2.78 6.91 -1.74
CA PRO A 72 -2.47 5.64 -2.42
C PRO A 72 -2.10 5.84 -3.88
N ASN A 73 -1.27 4.94 -4.39
CA ASN A 73 -0.94 4.95 -5.81
C ASN A 73 -0.56 3.54 -6.24
N LYS A 74 -0.25 3.39 -7.53
CA LYS A 74 -0.07 2.08 -8.15
C LYS A 74 1.33 1.52 -7.99
N ARG A 75 2.29 2.31 -7.51
CA ARG A 75 3.67 1.86 -7.46
C ARG A 75 3.80 0.65 -6.53
N LYS A 76 4.62 -0.31 -6.95
CA LYS A 76 4.79 -1.55 -6.20
C LYS A 76 5.31 -1.26 -4.79
N GLY A 77 4.57 -1.75 -3.80
CA GLY A 77 4.93 -1.59 -2.41
C GLY A 77 4.46 -0.30 -1.76
N PHE A 78 3.93 0.65 -2.53
CA PHE A 78 3.59 1.94 -1.94
C PHE A 78 2.46 1.82 -0.94
N ASN A 79 1.35 1.19 -1.33
CA ASN A 79 0.20 1.13 -0.43
C ASN A 79 0.54 0.36 0.84
N GLU A 80 1.29 -0.73 0.72
CA GLU A 80 1.72 -1.45 1.92
C GLU A 80 2.60 -0.56 2.79
N GLY A 81 3.46 0.25 2.18
CA GLY A 81 4.23 1.20 2.94
C GLY A 81 3.38 2.22 3.68
N LEU A 82 2.32 2.72 3.02
CA LEU A 82 1.41 3.62 3.72
C LEU A 82 0.79 2.95 4.93
N TRP A 83 0.42 1.67 4.79
CA TRP A 83 -0.14 0.93 5.92
C TRP A 83 0.88 0.79 7.04
N GLU A 84 2.13 0.48 6.69
CA GLU A 84 3.15 0.25 7.70
C GLU A 84 3.44 1.51 8.50
N ILE A 85 3.58 2.66 7.83
CA ILE A 85 3.93 3.86 8.58
C ILE A 85 2.78 4.30 9.47
N GLN A 86 1.55 3.99 9.08
CA GLN A 86 0.37 4.38 9.84
C GLN A 86 0.03 3.42 10.97
N ASN A 87 0.33 2.12 10.83
CA ASN A 87 -0.16 1.13 11.77
C ASN A 87 0.91 0.50 12.65
N ASN A 88 2.12 0.28 12.14
CA ASN A 88 3.20 -0.27 12.94
C ASN A 88 4.55 0.24 12.42
N PRO A 89 4.82 1.53 12.58
CA PRO A 89 6.03 2.12 11.98
C PRO A 89 7.34 1.73 12.68
N HIS A 90 7.30 1.13 13.87
CA HIS A 90 8.53 0.83 14.60
C HIS A 90 8.81 -0.67 14.68
N ALA A 91 8.09 -1.47 13.90
CA ALA A 91 8.23 -2.91 13.96
C ALA A 91 9.42 -3.38 13.13
N SER A 92 9.76 -4.66 13.31
CA SER A 92 10.81 -5.31 12.55
C SER A 92 10.22 -5.86 11.25
N TYR A 93 10.76 -5.42 10.12
CA TYR A 93 10.29 -5.86 8.80
C TYR A 93 11.32 -6.68 8.06
N SER A 94 12.51 -6.86 8.61
CA SER A 94 13.53 -7.69 7.98
C SER A 94 13.19 -9.16 8.18
N HIS B 4 -23.88 -14.15 -17.51
CA HIS B 4 -23.12 -14.27 -16.27
C HIS B 4 -23.56 -13.22 -15.24
N ALA B 5 -23.45 -13.59 -13.96
CA ALA B 5 -23.85 -12.66 -12.90
C ALA B 5 -22.96 -11.42 -12.86
N PHE B 6 -21.70 -11.55 -13.26
CA PHE B 6 -20.75 -10.46 -13.22
C PHE B 6 -20.06 -10.31 -14.57
N LYS B 7 -19.69 -9.08 -14.88
CA LYS B 7 -18.97 -8.73 -16.09
C LYS B 7 -17.73 -7.95 -15.71
N PRO B 8 -16.71 -7.92 -16.58
CA PRO B 8 -15.52 -7.13 -16.26
C PRO B 8 -15.88 -5.68 -15.97
N GLY B 9 -15.26 -5.12 -14.94
CA GLY B 9 -15.55 -3.78 -14.51
C GLY B 9 -16.54 -3.68 -13.36
N ASP B 10 -17.30 -4.75 -13.09
CA ASP B 10 -18.20 -4.75 -11.94
C ASP B 10 -17.40 -4.60 -10.66
N LEU B 11 -17.89 -3.78 -9.73
CA LEU B 11 -17.25 -3.60 -8.44
C LEU B 11 -17.90 -4.52 -7.42
N VAL B 12 -17.09 -5.10 -6.54
CA VAL B 12 -17.57 -6.07 -5.57
C VAL B 12 -16.81 -5.90 -4.25
N PHE B 13 -17.30 -6.59 -3.23
CA PHE B 13 -16.51 -6.97 -2.08
C PHE B 13 -16.25 -8.46 -2.21
N ALA B 14 -14.98 -8.85 -2.19
CA ALA B 14 -14.58 -10.23 -2.38
C ALA B 14 -14.10 -10.81 -1.05
N LYS B 15 -14.62 -11.99 -0.70
CA LYS B 15 -14.35 -12.64 0.57
C LYS B 15 -13.40 -13.81 0.35
N MET B 16 -12.30 -13.81 1.10
CA MET B 16 -11.45 -14.98 1.21
C MET B 16 -11.30 -15.33 2.69
N LYS B 17 -11.03 -16.60 2.98
CA LYS B 17 -10.91 -17.05 4.36
C LYS B 17 -9.74 -16.34 5.04
N GLY B 18 -10.01 -15.78 6.22
CA GLY B 18 -8.99 -15.12 7.00
C GLY B 18 -8.93 -13.62 6.81
N TYR B 19 -9.70 -13.06 5.88
CA TYR B 19 -9.69 -11.64 5.54
C TYR B 19 -11.10 -11.08 5.53
N PRO B 20 -11.26 -9.80 5.86
CA PRO B 20 -12.59 -9.19 5.73
C PRO B 20 -13.00 -9.06 4.27
N HIS B 21 -14.31 -8.91 4.06
CA HIS B 21 -14.82 -8.62 2.73
C HIS B 21 -14.07 -7.44 2.14
N TRP B 22 -13.44 -7.65 0.98
CA TRP B 22 -12.39 -6.77 0.48
C TRP B 22 -12.84 -6.01 -0.77
N PRO B 23 -12.60 -4.70 -0.84
CA PRO B 23 -12.98 -3.96 -2.06
C PRO B 23 -12.20 -4.49 -3.27
N ALA B 24 -12.91 -4.77 -4.34
CA ALA B 24 -12.31 -5.45 -5.48
C ALA B 24 -13.13 -5.16 -6.73
N ARG B 25 -12.65 -5.67 -7.87
CA ARG B 25 -13.34 -5.51 -9.14
C ARG B 25 -13.13 -6.77 -9.98
N ILE B 26 -14.09 -7.03 -10.86
CA ILE B 26 -13.98 -8.12 -11.82
C ILE B 26 -13.09 -7.67 -12.97
N ASP B 27 -12.01 -8.39 -13.21
CA ASP B 27 -11.15 -8.13 -14.35
C ASP B 27 -11.56 -9.01 -15.53
N ASP B 28 -10.92 -8.78 -16.68
CA ASP B 28 -11.31 -9.49 -17.89
C ASP B 28 -10.52 -10.78 -18.03
N ILE B 29 -11.24 -11.88 -18.24
CA ILE B 29 -10.58 -13.18 -18.47
C ILE B 29 -9.68 -13.10 -19.68
N ALA B 30 -10.10 -12.38 -20.71
CA ALA B 30 -9.32 -12.25 -21.94
C ALA B 30 -7.98 -11.57 -21.71
N ASP B 31 -7.82 -10.82 -20.61
CA ASP B 31 -6.59 -10.08 -20.36
C ASP B 31 -5.56 -10.86 -19.56
N GLY B 32 -5.89 -12.06 -19.10
CA GLY B 32 -4.97 -12.89 -18.34
C GLY B 32 -4.60 -14.14 -19.12
N ALA B 33 -3.32 -14.53 -19.04
CA ALA B 33 -2.88 -15.75 -19.69
C ALA B 33 -3.47 -16.98 -19.02
N VAL B 34 -3.39 -17.04 -17.69
CA VAL B 34 -4.02 -18.13 -16.95
C VAL B 34 -5.51 -17.86 -16.83
N LYS B 35 -6.32 -18.81 -17.27
CA LYS B 35 -7.76 -18.68 -17.19
C LYS B 35 -8.28 -19.25 -15.87
N PRO B 36 -9.37 -18.69 -15.34
CA PRO B 36 -9.89 -19.18 -14.06
C PRO B 36 -10.46 -20.58 -14.21
N PRO B 37 -10.59 -21.31 -13.12
CA PRO B 37 -11.38 -22.55 -13.15
C PRO B 37 -12.80 -22.26 -13.61
N PRO B 38 -13.56 -23.27 -14.01
CA PRO B 38 -14.94 -23.03 -14.45
C PRO B 38 -15.75 -22.33 -13.36
N ASN B 39 -16.61 -21.40 -13.80
CA ASN B 39 -17.54 -20.66 -12.94
C ASN B 39 -16.84 -19.72 -11.97
N LYS B 40 -15.58 -19.36 -12.23
CA LYS B 40 -14.86 -18.42 -11.38
C LYS B 40 -14.43 -17.22 -12.19
N TYR B 41 -14.06 -16.16 -11.47
CA TYR B 41 -13.74 -14.88 -12.08
C TYR B 41 -12.34 -14.44 -11.66
N PRO B 42 -11.65 -13.67 -12.50
CA PRO B 42 -10.41 -13.02 -12.04
C PRO B 42 -10.77 -11.77 -11.24
N ILE B 43 -10.33 -11.73 -9.98
CA ILE B 43 -10.68 -10.68 -9.04
C ILE B 43 -9.44 -9.86 -8.74
N PHE B 44 -9.53 -8.55 -8.91
CA PHE B 44 -8.44 -7.63 -8.59
C PHE B 44 -8.78 -6.90 -7.30
N PHE B 45 -7.92 -7.03 -6.29
CA PHE B 45 -8.16 -6.44 -4.98
C PHE B 45 -7.55 -5.05 -4.91
N PHE B 46 -8.35 -4.06 -4.55
CA PHE B 46 -7.81 -2.72 -4.39
C PHE B 46 -6.93 -2.65 -3.15
N GLY B 47 -6.03 -1.67 -3.14
CA GLY B 47 -5.08 -1.54 -2.06
C GLY B 47 -3.87 -2.43 -2.26
N THR B 48 -4.05 -3.75 -2.12
CA THR B 48 -2.94 -4.67 -2.29
C THR B 48 -2.60 -4.92 -3.76
N HIS B 49 -3.55 -4.70 -4.66
CA HIS B 49 -3.37 -4.87 -6.12
C HIS B 49 -3.01 -6.32 -6.48
N GLU B 50 -3.47 -7.28 -5.69
CA GLU B 50 -3.33 -8.69 -6.03
C GLU B 50 -4.55 -9.19 -6.79
N THR B 51 -4.37 -10.28 -7.54
CA THR B 51 -5.44 -10.89 -8.32
C THR B 51 -5.60 -12.35 -7.91
N ALA B 52 -6.85 -12.81 -7.83
CA ALA B 52 -7.15 -14.19 -7.49
C ALA B 52 -8.38 -14.64 -8.27
N PHE B 53 -8.67 -15.95 -8.21
CA PHE B 53 -9.83 -16.53 -8.86
C PHE B 53 -10.87 -16.90 -7.80
N LEU B 54 -12.08 -16.33 -7.93
CA LEU B 54 -13.14 -16.58 -6.98
C LEU B 54 -14.46 -16.81 -7.72
N GLY B 55 -15.28 -17.69 -7.15
CA GLY B 55 -16.61 -17.92 -7.66
C GLY B 55 -17.64 -17.04 -6.98
N PRO B 56 -18.90 -17.13 -7.46
CA PRO B 56 -19.96 -16.22 -6.97
C PRO B 56 -20.23 -16.31 -5.48
N LYS B 57 -19.96 -17.44 -4.83
CA LYS B 57 -20.23 -17.53 -3.40
C LYS B 57 -19.39 -16.55 -2.59
N ASP B 58 -18.28 -16.06 -3.16
CA ASP B 58 -17.39 -15.16 -2.45
C ASP B 58 -17.48 -13.71 -2.92
N LEU B 59 -18.47 -13.38 -3.76
CA LEU B 59 -18.53 -12.08 -4.41
C LEU B 59 -19.83 -11.36 -4.05
N PHE B 60 -19.70 -10.18 -3.46
CA PHE B 60 -20.84 -9.38 -3.01
C PHE B 60 -20.93 -8.12 -3.84
N PRO B 61 -22.03 -7.90 -4.58
CA PRO B 61 -22.16 -6.65 -5.35
C PRO B 61 -21.91 -5.43 -4.49
N TYR B 62 -21.16 -4.47 -5.06
CA TYR B 62 -20.61 -3.36 -4.28
C TYR B 62 -21.69 -2.46 -3.70
N ASP B 63 -22.66 -2.06 -4.53
CA ASP B 63 -23.58 -0.99 -4.13
C ASP B 63 -24.39 -1.37 -2.90
N LYS B 64 -24.98 -2.58 -2.90
CA LYS B 64 -25.83 -3.00 -1.80
C LYS B 64 -25.05 -3.34 -0.53
N SER B 65 -23.76 -3.64 -0.64
CA SER B 65 -22.96 -4.08 0.50
C SER B 65 -21.99 -3.03 1.02
N LYS B 66 -21.87 -1.87 0.35
CA LYS B 66 -20.82 -0.92 0.73
C LYS B 66 -21.06 -0.34 2.12
N ASP B 67 -22.33 -0.16 2.54
CA ASP B 67 -22.57 0.40 3.86
C ASP B 67 -22.11 -0.54 4.98
N LYS B 68 -22.19 -1.85 4.76
CA LYS B 68 -21.77 -2.79 5.77
C LYS B 68 -20.28 -3.11 5.69
N TYR B 69 -19.74 -3.27 4.47
CA TYR B 69 -18.37 -3.74 4.32
C TYR B 69 -17.37 -2.63 4.01
N GLY B 70 -17.82 -1.41 3.73
CA GLY B 70 -16.93 -0.34 3.35
C GLY B 70 -16.40 0.46 4.53
N LYS B 71 -16.36 -0.16 5.67
CA LYS B 71 -15.88 0.55 6.84
C LYS B 71 -14.38 0.29 7.03
N PRO B 72 -13.65 1.29 7.52
CA PRO B 72 -12.20 1.11 7.71
C PRO B 72 -11.89 0.03 8.75
N ASN B 73 -10.74 -0.64 8.56
CA ASN B 73 -10.19 -1.53 9.56
C ASN B 73 -8.67 -1.44 9.47
N LYS B 74 -7.99 -2.21 10.33
CA LYS B 74 -6.53 -2.12 10.44
C LYS B 74 -5.81 -3.18 9.62
N ARG B 75 -6.51 -3.93 8.76
CA ARG B 75 -5.83 -4.99 8.02
C ARG B 75 -4.95 -4.39 6.92
N LYS B 76 -3.86 -5.10 6.61
CA LYS B 76 -2.85 -4.63 5.68
C LYS B 76 -3.43 -4.24 4.33
N GLY B 77 -3.31 -2.95 3.99
CA GLY B 77 -3.75 -2.46 2.70
C GLY B 77 -5.23 -2.18 2.56
N PHE B 78 -6.04 -2.49 3.58
CA PHE B 78 -7.49 -2.40 3.42
C PHE B 78 -7.95 -0.96 3.21
N ASN B 79 -7.52 -0.05 4.09
CA ASN B 79 -7.99 1.34 3.97
C ASN B 79 -7.47 2.00 2.71
N GLU B 80 -6.29 1.58 2.24
CA GLU B 80 -5.82 2.02 0.93
C GLU B 80 -6.75 1.50 -0.17
N GLY B 81 -7.22 0.26 -0.02
CA GLY B 81 -8.18 -0.28 -0.98
C GLY B 81 -9.50 0.44 -0.98
N LEU B 82 -9.99 0.80 0.21
CA LEU B 82 -11.21 1.61 0.31
C LEU B 82 -11.05 2.93 -0.42
N TRP B 83 -9.92 3.59 -0.22
CA TRP B 83 -9.69 4.87 -0.89
C TRP B 83 -9.74 4.70 -2.40
N GLU B 84 -9.15 3.61 -2.91
CA GLU B 84 -9.01 3.42 -4.35
C GLU B 84 -10.34 3.07 -5.01
N ILE B 85 -11.15 2.20 -4.38
CA ILE B 85 -12.44 1.87 -4.99
C ILE B 85 -13.33 3.10 -5.01
N GLN B 86 -13.14 4.04 -4.07
CA GLN B 86 -13.96 5.23 -4.07
C GLN B 86 -13.44 6.30 -5.03
N ASN B 87 -12.14 6.32 -5.30
CA ASN B 87 -11.54 7.40 -6.07
C ASN B 87 -11.07 6.98 -7.46
N ASN B 88 -10.52 5.78 -7.61
CA ASN B 88 -9.96 5.33 -8.90
C ASN B 88 -10.31 3.87 -9.15
N PRO B 89 -11.61 3.51 -9.15
CA PRO B 89 -11.95 2.09 -9.27
C PRO B 89 -11.66 1.49 -10.63
N HIS B 90 -11.60 2.29 -11.69
CA HIS B 90 -11.36 1.78 -13.03
C HIS B 90 -10.02 2.24 -13.60
N ALA B 91 -9.10 2.67 -12.75
CA ALA B 91 -7.77 3.00 -13.22
C ALA B 91 -7.02 1.73 -13.63
N SER B 92 -5.98 1.91 -14.42
CA SER B 92 -5.05 0.82 -14.71
C SER B 92 -3.96 0.82 -13.65
N TYR B 93 -3.80 -0.31 -12.97
CA TYR B 93 -2.81 -0.46 -11.91
C TYR B 93 -1.58 -1.23 -12.37
N SER B 94 -1.52 -1.57 -13.67
CA SER B 94 -0.37 -2.29 -14.20
C SER B 94 0.75 -1.34 -14.59
C1 EDO C . 13.82 -3.53 9.04
O1 EDO C . 13.16 -3.91 10.22
C2 EDO C . 15.10 -2.80 9.36
O2 EDO C . 14.83 -1.51 9.87
N1 A1II2 D . 14.77 1.15 -5.27
C2 A1II2 D . 17.16 2.13 -3.49
C4 A1II2 D . 15.50 2.45 -5.33
C5 A1II2 D . 13.29 1.28 -5.51
C6 A1II2 D . 12.60 1.93 -4.35
N A1II2 D . 20.84 1.95 -3.44
N2 A1II2 D . 11.55 1.76 -2.18
C7 A1II2 D . 12.16 1.22 -3.24
C8 A1II2 D . 11.37 3.08 -2.18
C A1II2 D . 19.54 2.09 -3.89
C1 A1II2 D . 18.46 2.00 -3.02
C10 A1II2 D . 12.39 3.30 -4.32
C11 A1II2 D . 17.99 2.43 -5.71
C12 A1II2 D . 19.28 2.31 -5.24
C3 A1II2 D . 16.91 2.33 -4.84
C9 A1II2 D . 11.77 3.87 -3.23
BR A1II2 D . 11.52 5.75 -3.18
S SO4 E . 10.72 12.60 -10.15
O1 SO4 E . 11.70 12.18 -9.10
O2 SO4 E . 9.39 12.90 -9.52
O3 SO4 E . 11.24 13.82 -10.85
O4 SO4 E . 10.54 11.49 -11.15
S SO4 F . 6.28 20.70 0.83
O1 SO4 F . 7.30 21.54 1.54
O2 SO4 F . 5.04 21.51 0.63
O3 SO4 F . 6.83 20.26 -0.49
O4 SO4 F . 5.97 19.48 1.66
N1 A1II2 G . -3.02 -12.13 0.16
C2 A1II2 G . -4.55 -12.94 -2.46
C4 A1II2 G . -4.04 -13.21 -0.02
C5 A1II2 G . -3.48 -11.03 1.06
C6 A1II2 G . -4.66 -10.29 0.48
N A1II2 G . -4.07 -15.13 -5.38
N2 A1II2 G . -5.57 -8.59 -0.95
C7 A1II2 G . -4.54 -9.24 -0.41
C8 A1II2 G . -6.80 -8.97 -0.61
C A1II2 G . -4.07 -14.66 -4.08
C1 A1II2 G . -4.56 -13.39 -3.77
C10 A1II2 G . -5.95 -10.67 0.83
C11 A1II2 G . -3.59 -14.99 -1.74
C12 A1II2 G . -3.60 -15.47 -3.04
C3 A1II2 G . -4.06 -13.72 -1.43
C9 A1II2 G . -7.02 -10.00 0.27
BR A1II2 G . -8.79 -10.53 0.73
S SO4 H . -15.79 -16.96 4.65
O1 SO4 H . -15.76 -18.38 5.14
O2 SO4 H . -15.90 -16.02 5.82
O3 SO4 H . -14.51 -16.68 3.90
O4 SO4 H . -16.97 -16.78 3.75
S SO4 I . -12.86 -15.26 8.54
O1 SO4 I . -13.02 -16.15 9.74
O2 SO4 I . -11.64 -14.41 8.73
O3 SO4 I . -12.71 -16.11 7.31
O4 SO4 I . -14.07 -14.39 8.39
S SO4 J . -2.71 -8.39 8.59
O1 SO4 J . -1.89 -8.85 7.41
O2 SO4 J . -1.89 -7.49 9.47
O3 SO4 J . -3.90 -7.63 8.09
O4 SO4 J . -3.13 -9.59 9.39
S SO4 K . -5.58 5.12 -16.52
O1 SO4 K . -4.18 4.83 -16.98
O2 SO4 K . -5.70 4.85 -15.04
O3 SO4 K . -5.90 6.57 -16.78
O4 SO4 K . -6.55 4.26 -17.27
S SO4 L . -15.02 -24.29 -5.03
O1 SO4 L . -14.14 -24.80 -6.13
O2 SO4 L . -14.24 -23.33 -4.18
O3 SO4 L . -16.21 -23.59 -5.62
O4 SO4 L . -15.50 -25.45 -4.20
#